data_2BRT
#
_entry.id   2BRT
#
_cell.length_a   56.807
_cell.length_b   62.309
_cell.length_c   102.493
_cell.angle_alpha   90.00
_cell.angle_beta   90.00
_cell.angle_gamma   90.00
#
_symmetry.space_group_name_H-M   'P 21 21 21'
#
loop_
_entity.id
_entity.type
_entity.pdbx_description
1 polymer 'LEUCOANTHOCYANIDIN DIOXYGENASE'
2 non-polymer 'FE (II) ION'
3 non-polymer '2-OXOGLUTARIC ACID'
4 non-polymer NARINGENIN
5 water water
#
_entity_poly.entity_id   1
_entity_poly.type   'polypeptide(L)'
_entity_poly.pdbx_seq_one_letter_code
;VAVERVESLAKSGIISIPKEYIRPKEELESINDVFLEEKKEDGPQVPTIDLKNIESDDEKIRENCIEELKKASLDWGVMH
LINHGIPADLMERVKKAGEEFFSLSVEEKEKYANDQATGKIQGYGSKLANNASGQLEWEDYFFHLAYPEEKRDLSIWPKT
PSDYIEATSEYAKCLRLLATKVFKALSVGLGLEPDRLEKEVGGLEELLLQMKINYYPKCPQPELALGVEAHTDVSALTFI
LHNMVPGLQLFYEGKWVTAKCVPDSIVMHIGDTLEILSNGKYKSILHRGLVNKEKVRISWAVFCEPPKDKIVLKPLPEMV
SVESPAKFPPRTFAQHIEHKLFGKEQEELVSEKND
;
_entity_poly.pdbx_strand_id   A
#
loop_
_chem_comp.id
_chem_comp.type
_chem_comp.name
_chem_comp.formula
AKG non-polymer '2-OXOGLUTARIC ACID' 'C5 H6 O5'
FE2 non-polymer 'FE (II) ION' 'Fe 2'
NAR non-polymer NARINGENIN 'C15 H12 O5'
#
# COMPACT_ATOMS: atom_id res chain seq x y z
N VAL A 1 -30.73 -4.24 2.14
CA VAL A 1 -29.28 -4.34 1.74
C VAL A 1 -28.79 -5.81 1.75
N ALA A 2 -27.70 -6.05 1.02
CA ALA A 2 -27.09 -7.35 0.83
C ALA A 2 -25.60 -7.13 0.97
N VAL A 3 -24.95 -8.08 1.63
CA VAL A 3 -23.50 -8.05 1.77
C VAL A 3 -23.06 -9.12 0.81
N GLU A 4 -21.92 -8.93 0.14
CA GLU A 4 -21.39 -10.00 -0.71
C GLU A 4 -19.87 -9.87 -0.93
N ARG A 5 -19.19 -11.02 -0.89
CA ARG A 5 -17.74 -11.06 -0.85
C ARG A 5 -17.23 -11.67 -2.08
N VAL A 6 -16.09 -11.19 -2.51
CA VAL A 6 -15.47 -11.67 -3.69
C VAL A 6 -15.09 -13.14 -3.46
N GLU A 7 -14.69 -13.47 -2.22
CA GLU A 7 -14.36 -14.85 -1.87
C GLU A 7 -15.53 -15.78 -2.15
N SER A 8 -16.74 -15.27 -1.98
CA SER A 8 -17.93 -16.08 -2.17
C SER A 8 -18.18 -16.26 -3.66
N LEU A 9 -18.04 -15.18 -4.39
CA LEU A 9 -18.25 -15.21 -5.81
C LEU A 9 -17.28 -16.18 -6.43
N ALA A 10 -16.04 -16.09 -6.00
CA ALA A 10 -15.00 -17.03 -6.38
C ALA A 10 -15.31 -18.52 -6.14
N LYS A 11 -16.08 -18.88 -5.11
CA LYS A 11 -16.31 -20.28 -4.77
C LYS A 11 -17.72 -20.83 -5.13
N SER A 12 -18.47 -20.03 -5.90
CA SER A 12 -19.89 -20.23 -6.22
C SER A 12 -20.05 -21.03 -7.48
N GLY A 13 -18.95 -21.26 -8.20
CA GLY A 13 -18.97 -22.01 -9.44
C GLY A 13 -19.52 -21.26 -10.61
N ILE A 14 -18.84 -20.19 -10.93
CA ILE A 14 -19.18 -19.29 -12.01
C ILE A 14 -18.02 -19.40 -13.01
N ILE A 15 -18.33 -19.31 -14.30
CA ILE A 15 -17.35 -19.45 -15.37
C ILE A 15 -16.99 -18.08 -15.89
N SER A 16 -17.96 -17.16 -15.85
CA SER A 16 -17.78 -15.76 -16.23
C SER A 16 -18.14 -14.85 -15.03
N ILE A 17 -17.36 -13.80 -14.86
CA ILE A 17 -17.52 -12.93 -13.71
C ILE A 17 -18.62 -11.95 -14.02
N PRO A 18 -19.28 -11.42 -12.99
CA PRO A 18 -20.29 -10.38 -13.24
C PRO A 18 -19.80 -9.10 -13.92
N LYS A 19 -20.76 -8.41 -14.52
CA LYS A 19 -20.55 -7.19 -15.28
C LYS A 19 -19.83 -6.16 -14.43
N GLU A 20 -20.17 -6.06 -13.16
CA GLU A 20 -19.59 -5.03 -12.29
C GLU A 20 -18.06 -5.15 -12.08
N TYR A 21 -17.52 -6.35 -12.33
CA TYR A 21 -16.13 -6.66 -12.18
C TYR A 21 -15.33 -6.53 -13.47
N ILE A 22 -16.02 -6.34 -14.60
CA ILE A 22 -15.35 -6.14 -15.89
C ILE A 22 -14.88 -4.64 -16.02
N ARG A 23 -13.62 -4.42 -16.43
CA ARG A 23 -13.12 -3.07 -16.58
C ARG A 23 -13.72 -2.47 -17.87
N PRO A 24 -13.74 -1.12 -17.97
CA PRO A 24 -14.13 -0.46 -19.17
C PRO A 24 -13.30 -0.95 -20.29
N LYS A 25 -13.90 -0.99 -21.48
CA LYS A 25 -13.29 -1.63 -22.62
C LYS A 25 -11.97 -0.99 -22.96
N GLU A 26 -11.83 0.31 -22.65
CA GLU A 26 -10.55 1.02 -22.87
C GLU A 26 -9.45 0.45 -21.97
N GLU A 27 -9.78 0.16 -20.72
CA GLU A 27 -8.83 -0.34 -19.74
C GLU A 27 -8.44 -1.82 -20.00
N LEU A 28 -9.36 -2.59 -20.59
CA LEU A 28 -9.08 -3.99 -20.94
C LEU A 28 -7.86 -4.14 -21.86
N GLU A 29 -7.60 -3.17 -22.71
CA GLU A 29 -6.40 -3.23 -23.57
C GLU A 29 -5.10 -3.57 -22.82
N SER A 30 -4.93 -2.98 -21.64
CA SER A 30 -3.66 -3.00 -20.90
C SER A 30 -3.53 -4.17 -19.93
N ILE A 31 -4.59 -4.95 -19.78
CA ILE A 31 -4.50 -6.05 -18.90
C ILE A 31 -4.14 -7.36 -19.54
N ASN A 32 -3.01 -7.91 -19.10
CA ASN A 32 -2.49 -9.19 -19.58
C ASN A 32 -2.28 -10.28 -18.53
N ASP A 33 -2.02 -11.49 -19.00
CA ASP A 33 -1.62 -12.63 -18.15
C ASP A 33 -0.49 -12.24 -17.19
N VAL A 34 -0.78 -12.16 -15.89
CA VAL A 34 0.21 -11.70 -14.92
C VAL A 34 1.42 -12.63 -14.93
N PHE A 35 1.18 -13.91 -15.19
CA PHE A 35 2.27 -14.86 -15.15
C PHE A 35 3.30 -14.65 -16.29
N LEU A 36 2.80 -14.50 -17.54
CA LEU A 36 3.60 -14.07 -18.70
C LEU A 36 4.27 -12.71 -18.49
N GLU A 37 3.52 -11.72 -17.98
CA GLU A 37 4.08 -10.39 -17.68
C GLU A 37 5.23 -10.45 -16.64
N GLU A 38 5.17 -11.47 -15.80
CA GLU A 38 6.20 -11.77 -14.79
C GLU A 38 7.50 -12.32 -15.37
N LYS A 39 7.44 -12.83 -16.58
CA LYS A 39 8.58 -13.52 -17.18
C LYS A 39 9.35 -12.59 -18.13
N LYS A 40 8.92 -11.33 -18.22
CA LYS A 40 9.60 -10.34 -19.06
C LYS A 40 10.70 -9.59 -18.26
N GLU A 41 11.92 -9.57 -18.80
CA GLU A 41 13.05 -8.83 -18.19
C GLU A 41 13.46 -7.66 -19.09
N ASP A 42 12.69 -7.49 -20.15
CA ASP A 42 12.85 -6.42 -21.12
C ASP A 42 12.15 -5.17 -20.61
N GLY A 43 12.80 -4.03 -20.83
CA GLY A 43 12.22 -2.75 -20.45
C GLY A 43 12.41 -2.48 -18.99
N PRO A 44 12.00 -1.28 -18.54
CA PRO A 44 12.11 -0.86 -17.16
C PRO A 44 11.61 -1.87 -16.20
N GLN A 45 12.35 -2.01 -15.10
CA GLN A 45 11.98 -2.83 -13.97
C GLN A 45 12.10 -1.95 -12.73
N VAL A 46 11.31 -2.28 -11.70
CA VAL A 46 11.29 -1.60 -10.39
C VAL A 46 12.65 -1.75 -9.79
N PRO A 47 13.21 -0.69 -9.17
CA PRO A 47 14.48 -0.89 -8.47
C PRO A 47 14.41 -1.75 -7.21
N THR A 48 15.46 -2.50 -6.99
CA THR A 48 15.71 -3.15 -5.72
C THR A 48 16.70 -2.27 -4.97
N ILE A 49 16.39 -1.95 -3.71
CA ILE A 49 17.25 -1.11 -2.85
C ILE A 49 17.73 -1.83 -1.58
N ASP A 50 19.06 -1.91 -1.44
CA ASP A 50 19.72 -2.55 -0.33
C ASP A 50 19.95 -1.52 0.78
N LEU A 51 19.37 -1.79 1.96
CA LEU A 51 19.42 -0.84 3.08
C LEU A 51 20.42 -1.17 4.16
N LYS A 52 21.16 -2.27 3.97
CA LYS A 52 22.28 -2.65 4.86
C LYS A 52 22.99 -1.46 5.55
N ASN A 53 23.45 -0.50 4.78
CA ASN A 53 24.26 0.56 5.37
C ASN A 53 23.56 1.88 5.70
N ILE A 54 22.23 1.88 5.71
CA ILE A 54 21.43 3.07 6.03
C ILE A 54 21.82 3.81 7.34
N GLU A 55 22.19 3.10 8.40
CA GLU A 55 22.68 3.71 9.66
C GLU A 55 24.19 3.48 9.87
N SER A 56 24.91 3.11 8.81
CA SER A 56 26.32 2.69 8.92
C SER A 56 27.24 3.73 9.52
N ASP A 57 28.23 3.24 10.25
CA ASP A 57 29.11 4.12 10.96
C ASP A 57 30.26 4.63 10.06
N ASP A 58 30.43 4.02 8.88
CA ASP A 58 31.28 4.61 7.86
C ASP A 58 30.39 5.52 6.99
N GLU A 59 30.62 6.83 7.14
CA GLU A 59 29.89 7.84 6.42
C GLU A 59 29.96 7.68 4.92
N LYS A 60 31.12 7.34 4.39
CA LYS A 60 31.21 7.01 2.96
C LYS A 60 30.13 5.98 2.53
N ILE A 61 29.90 4.96 3.35
CA ILE A 61 29.07 3.81 2.94
C ILE A 61 27.57 4.00 3.34
N ARG A 62 27.32 4.80 4.37
CA ARG A 62 25.99 5.24 4.73
C ARG A 62 25.46 6.14 3.63
N GLU A 63 26.25 7.17 3.29
CA GLU A 63 25.90 8.13 2.24
C GLU A 63 25.58 7.41 0.93
N ASN A 64 26.40 6.43 0.55
CA ASN A 64 26.10 5.62 -0.65
C ASN A 64 24.63 5.15 -0.65
N CYS A 65 24.19 4.65 0.49
CA CYS A 65 22.89 4.01 0.59
C CYS A 65 21.83 5.10 0.37
N ILE A 66 22.01 6.22 1.06
CA ILE A 66 21.10 7.34 0.96
C ILE A 66 20.90 7.80 -0.50
N GLU A 67 21.97 7.79 -1.29
CA GLU A 67 21.85 8.21 -2.67
C GLU A 67 21.02 7.25 -3.55
N GLU A 68 21.23 5.94 -3.37
CA GLU A 68 20.47 4.95 -4.13
C GLU A 68 19.00 5.03 -3.82
N LEU A 69 18.70 5.25 -2.54
CA LEU A 69 17.36 5.33 -2.02
C LEU A 69 16.73 6.61 -2.54
N LYS A 70 17.47 7.73 -2.50
CA LYS A 70 16.98 8.97 -3.02
C LYS A 70 16.68 8.79 -4.50
N LYS A 71 17.68 8.41 -5.29
CA LYS A 71 17.47 8.22 -6.74
C LYS A 71 16.24 7.39 -7.05
N ALA A 72 16.02 6.36 -6.24
CA ALA A 72 14.92 5.41 -6.39
C ALA A 72 13.56 6.08 -6.14
N SER A 73 13.58 6.98 -5.17
CA SER A 73 12.49 7.78 -4.77
C SER A 73 12.14 8.91 -5.72
N LEU A 74 13.13 9.54 -6.33
CA LEU A 74 12.92 10.63 -7.25
C LEU A 74 12.42 10.13 -8.58
N ASP A 75 12.71 8.86 -8.86
CA ASP A 75 12.51 8.29 -10.18
C ASP A 75 11.20 7.53 -10.26
N TRP A 76 11.13 6.50 -9.42
CA TRP A 76 10.08 5.51 -9.40
C TRP A 76 9.14 5.80 -8.26
N GLY A 77 9.69 6.15 -7.10
CA GLY A 77 8.94 6.30 -5.88
C GLY A 77 8.39 4.96 -5.44
N VAL A 78 8.95 3.89 -5.94
CA VAL A 78 8.61 2.57 -5.42
C VAL A 78 9.86 1.69 -5.62
N MET A 79 10.01 0.66 -4.79
CA MET A 79 11.23 -0.14 -4.80
C MET A 79 11.02 -1.33 -3.93
N HIS A 80 11.75 -2.42 -4.24
CA HIS A 80 11.94 -3.53 -3.29
C HIS A 80 13.07 -3.25 -2.33
N LEU A 81 12.76 -3.29 -1.05
CA LEU A 81 13.72 -3.14 0.00
C LEU A 81 14.26 -4.49 0.43
N ILE A 82 15.58 -4.64 0.41
CA ILE A 82 16.27 -5.81 1.00
C ILE A 82 17.21 -5.39 2.13
N ASN A 83 17.49 -6.30 3.06
CA ASN A 83 18.35 -6.01 4.21
C ASN A 83 17.83 -4.82 4.97
N HIS A 84 16.58 -4.95 5.38
CA HIS A 84 15.77 -3.85 5.95
C HIS A 84 15.57 -4.02 7.47
N GLY A 85 16.14 -5.10 8.02
CA GLY A 85 16.22 -5.26 9.45
C GLY A 85 15.00 -5.83 10.10
N ILE A 86 14.03 -6.25 9.30
CA ILE A 86 12.87 -6.89 9.87
C ILE A 86 13.15 -8.40 9.76
N PRO A 87 13.08 -9.11 10.90
CA PRO A 87 13.34 -10.53 10.83
C PRO A 87 12.48 -11.24 9.75
N ALA A 88 13.11 -12.17 9.06
CA ALA A 88 12.47 -12.97 8.06
C ALA A 88 11.46 -13.87 8.74
N ASP A 89 11.79 -14.28 9.96
CA ASP A 89 10.94 -15.17 10.75
C ASP A 89 9.68 -14.44 11.11
N LEU A 90 9.82 -13.17 11.49
CA LEU A 90 8.68 -12.37 11.89
C LEU A 90 7.79 -12.07 10.68
N MET A 91 8.40 -11.80 9.53
CA MET A 91 7.56 -11.64 8.34
C MET A 91 6.69 -12.89 8.04
N GLU A 92 7.24 -14.07 8.30
CA GLU A 92 6.49 -15.34 8.04
C GLU A 92 5.37 -15.54 9.06
N ARG A 93 5.62 -15.25 10.33
CA ARG A 93 4.56 -15.28 11.32
C ARG A 93 3.36 -14.46 10.93
N VAL A 94 3.60 -13.23 10.47
CA VAL A 94 2.52 -12.35 10.02
C VAL A 94 1.74 -12.92 8.82
N LYS A 95 2.45 -13.32 7.79
CA LYS A 95 1.75 -13.88 6.62
C LYS A 95 0.99 -15.13 7.07
N LYS A 96 1.61 -16.02 7.85
CA LYS A 96 0.93 -17.24 8.30
C LYS A 96 -0.35 -16.91 9.08
N ALA A 97 -0.29 -15.94 9.97
CA ALA A 97 -1.46 -15.59 10.75
C ALA A 97 -2.58 -15.02 9.86
N GLY A 98 -2.21 -14.29 8.79
CA GLY A 98 -3.15 -13.72 7.83
C GLY A 98 -3.71 -14.74 6.88
N GLU A 99 -2.87 -15.69 6.47
CA GLU A 99 -3.37 -16.75 5.62
C GLU A 99 -4.44 -17.58 6.44
N GLU A 100 -4.14 -17.87 7.69
CA GLU A 100 -5.08 -18.57 8.59
C GLU A 100 -6.42 -17.86 8.83
N PHE A 101 -6.38 -16.55 9.07
CA PHE A 101 -7.62 -15.80 9.23
C PHE A 101 -8.48 -15.91 7.95
N PHE A 102 -7.85 -15.72 6.82
CA PHE A 102 -8.62 -15.75 5.58
C PHE A 102 -9.04 -17.14 5.18
N SER A 103 -8.50 -18.18 5.82
CA SER A 103 -8.90 -19.49 5.44
C SER A 103 -10.11 -19.96 6.26
N LEU A 104 -10.56 -19.17 7.24
CA LEU A 104 -11.85 -19.33 7.90
C LEU A 104 -12.98 -19.12 6.91
N SER A 105 -14.17 -19.63 7.23
CA SER A 105 -15.28 -19.45 6.33
C SER A 105 -15.54 -17.96 6.25
N VAL A 106 -16.23 -17.54 5.20
CA VAL A 106 -16.73 -16.20 5.14
C VAL A 106 -17.59 -15.96 6.37
N GLU A 107 -18.39 -16.95 6.80
CA GLU A 107 -19.32 -16.75 7.89
C GLU A 107 -18.64 -16.40 9.19
N GLU A 108 -17.43 -16.92 9.40
CA GLU A 108 -16.60 -16.62 10.58
C GLU A 108 -15.83 -15.27 10.43
N LYS A 109 -15.57 -14.89 9.19
CA LYS A 109 -14.99 -13.59 8.93
C LYS A 109 -16.06 -12.51 9.13
N GLU A 110 -17.28 -12.80 8.70
CA GLU A 110 -18.37 -11.84 8.85
C GLU A 110 -18.48 -11.35 10.29
N LYS A 111 -17.97 -12.10 11.26
CA LYS A 111 -18.08 -11.64 12.66
C LYS A 111 -17.25 -10.37 12.86
N TYR A 112 -16.27 -10.15 11.98
CA TYR A 112 -15.37 -9.03 12.06
C TYR A 112 -15.71 -8.00 11.02
N ALA A 113 -16.87 -8.17 10.40
CA ALA A 113 -17.24 -7.34 9.28
C ALA A 113 -17.24 -5.89 9.76
N ASN A 114 -16.68 -5.01 8.94
CA ASN A 114 -16.71 -3.59 9.16
C ASN A 114 -18.15 -3.06 8.96
N ASP A 115 -18.38 -1.79 9.23
CA ASP A 115 -19.68 -1.23 8.96
C ASP A 115 -19.63 0.25 8.62
N GLN A 116 -19.49 0.54 7.33
CA GLN A 116 -19.21 1.91 6.97
C GLN A 116 -20.38 2.86 7.19
N ALA A 117 -21.62 2.35 7.17
CA ALA A 117 -22.73 3.18 7.39
C ALA A 117 -22.79 3.70 8.85
N THR A 118 -22.03 3.08 9.75
CA THR A 118 -21.99 3.55 11.14
C THR A 118 -20.60 4.00 11.50
N GLY A 119 -19.74 4.17 10.48
CA GLY A 119 -18.42 4.64 10.71
C GLY A 119 -17.47 3.60 11.29
N LYS A 120 -17.79 2.29 11.24
CA LYS A 120 -16.88 1.24 11.64
C LYS A 120 -16.06 0.84 10.41
N ILE A 121 -14.97 1.55 10.26
CA ILE A 121 -14.16 1.33 9.08
C ILE A 121 -13.20 0.09 9.23
N GLN A 122 -12.83 -0.25 10.47
CA GLN A 122 -11.89 -1.30 10.73
C GLN A 122 -12.61 -2.64 10.64
N GLY A 123 -11.96 -3.66 10.14
CA GLY A 123 -12.61 -4.92 10.02
C GLY A 123 -12.49 -5.56 8.66
N TYR A 124 -13.20 -6.69 8.54
CA TYR A 124 -13.34 -7.45 7.33
C TYR A 124 -14.24 -6.73 6.38
N GLY A 125 -13.83 -6.61 5.13
CA GLY A 125 -14.59 -5.77 4.24
C GLY A 125 -14.32 -6.09 2.80
N SER A 126 -15.07 -5.39 1.98
CA SER A 126 -14.94 -5.45 0.55
C SER A 126 -15.40 -4.13 -0.02
N LYS A 127 -14.79 -3.66 -1.07
CA LYS A 127 -15.02 -2.25 -1.43
C LYS A 127 -16.37 -2.07 -2.13
N LEU A 128 -17.20 -1.17 -1.57
CA LEU A 128 -18.51 -0.78 -2.16
C LEU A 128 -18.38 0.25 -3.29
N ALA A 129 -19.31 0.21 -4.23
CA ALA A 129 -19.36 1.22 -5.30
C ALA A 129 -19.63 2.63 -4.72
N ASN A 130 -18.90 3.60 -5.28
CA ASN A 130 -18.74 4.92 -4.70
C ASN A 130 -18.82 6.02 -5.75
N ASN A 131 -19.26 5.63 -6.95
CA ASN A 131 -19.69 6.58 -7.97
C ASN A 131 -20.57 5.86 -9.00
N ALA A 132 -20.97 6.57 -10.06
CA ALA A 132 -22.10 6.17 -10.91
C ALA A 132 -21.89 4.81 -11.60
N SER A 133 -20.67 4.57 -12.07
CA SER A 133 -20.25 3.22 -12.48
C SER A 133 -20.34 2.28 -11.27
N GLY A 134 -20.94 1.11 -11.43
CA GLY A 134 -20.95 0.20 -10.26
C GLY A 134 -19.68 -0.64 -10.06
N GLN A 135 -18.52 -0.17 -10.53
CA GLN A 135 -17.32 -1.03 -10.58
C GLN A 135 -16.88 -1.56 -9.28
N LEU A 136 -16.60 -2.85 -9.29
CA LEU A 136 -16.00 -3.51 -8.18
C LEU A 136 -14.67 -4.07 -8.59
N GLU A 137 -13.87 -4.29 -7.58
CA GLU A 137 -12.61 -4.92 -7.70
C GLU A 137 -12.57 -6.29 -7.06
N TRP A 138 -11.73 -7.18 -7.64
CA TRP A 138 -11.64 -8.60 -7.30
C TRP A 138 -10.80 -8.76 -6.04
N GLU A 139 -11.28 -8.22 -4.90
CA GLU A 139 -10.64 -8.45 -3.64
C GLU A 139 -11.54 -8.21 -2.43
N ASP A 140 -11.24 -8.94 -1.36
CA ASP A 140 -11.69 -8.69 -0.02
C ASP A 140 -10.50 -8.27 0.82
N TYR A 141 -10.80 -7.57 1.93
CA TYR A 141 -9.76 -7.08 2.77
C TYR A 141 -10.03 -7.12 4.27
N PHE A 142 -8.95 -6.97 5.03
CA PHE A 142 -8.98 -6.77 6.44
C PHE A 142 -8.13 -5.55 6.78
N PHE A 143 -8.76 -4.60 7.51
CA PHE A 143 -8.20 -3.29 7.77
C PHE A 143 -8.33 -2.93 9.22
N HIS A 144 -7.21 -2.55 9.81
CA HIS A 144 -7.20 -2.04 11.17
C HIS A 144 -5.98 -1.14 11.44
N LEU A 145 -6.13 -0.22 12.37
CA LEU A 145 -4.98 0.50 12.91
C LEU A 145 -4.10 -0.48 13.71
N ALA A 146 -2.78 -0.32 13.53
CA ALA A 146 -1.70 -1.26 13.94
C ALA A 146 -0.73 -0.70 14.96
N TYR A 147 -0.40 0.59 14.79
CA TYR A 147 0.51 1.31 15.64
C TYR A 147 -0.06 2.73 15.76
N PRO A 148 0.04 3.37 16.95
CA PRO A 148 0.66 2.96 18.20
C PRO A 148 -0.24 2.06 19.03
N GLU A 149 0.34 1.37 20.01
CA GLU A 149 -0.42 0.29 20.64
C GLU A 149 -1.67 0.87 21.28
N GLU A 150 -1.55 2.12 21.74
CA GLU A 150 -2.56 2.77 22.58
C GLU A 150 -3.80 3.16 21.80
N LYS A 151 -3.68 3.20 20.47
CA LYS A 151 -4.76 3.64 19.60
C LYS A 151 -5.45 2.46 18.96
N ARG A 152 -5.05 1.22 19.31
CA ARG A 152 -5.60 0.03 18.64
C ARG A 152 -6.90 -0.32 19.36
N ASP A 153 -7.90 -0.71 18.60
CA ASP A 153 -9.07 -1.39 19.12
C ASP A 153 -8.87 -2.89 18.87
N LEU A 154 -8.33 -3.57 19.87
CA LEU A 154 -7.92 -4.97 19.76
C LEU A 154 -9.14 -5.87 19.67
N SER A 155 -10.29 -5.35 20.08
CA SER A 155 -11.49 -6.16 20.05
C SER A 155 -11.92 -6.44 18.60
N ILE A 156 -11.44 -5.67 17.64
CA ILE A 156 -11.67 -6.05 16.22
C ILE A 156 -10.55 -6.91 15.62
N TRP A 157 -9.49 -7.23 16.35
CA TRP A 157 -8.44 -8.02 15.72
C TRP A 157 -8.85 -9.48 15.82
N PRO A 158 -8.47 -10.28 14.82
CA PRO A 158 -8.63 -11.72 14.85
C PRO A 158 -8.01 -12.35 16.07
N LYS A 159 -8.83 -13.12 16.77
CA LYS A 159 -8.44 -13.83 17.94
C LYS A 159 -8.03 -15.22 17.51
N THR A 160 -8.58 -15.66 16.39
CA THR A 160 -8.19 -16.88 15.70
C THR A 160 -7.69 -16.47 14.30
N PRO A 161 -6.41 -16.77 13.97
CA PRO A 161 -5.44 -17.54 14.76
C PRO A 161 -4.90 -16.82 15.97
N SER A 162 -4.64 -17.58 17.01
CA SER A 162 -4.13 -17.02 18.26
C SER A 162 -2.88 -16.11 18.09
N ASP A 163 -2.01 -16.44 17.13
CA ASP A 163 -0.79 -15.65 16.95
C ASP A 163 -1.03 -14.34 16.14
N TYR A 164 -2.24 -14.08 15.69
CA TYR A 164 -2.48 -12.87 14.90
C TYR A 164 -2.05 -11.57 15.63
N ILE A 165 -2.58 -11.37 16.84
CA ILE A 165 -2.37 -10.08 17.55
C ILE A 165 -0.89 -9.77 17.84
N GLU A 166 -0.21 -10.78 18.35
CA GLU A 166 1.22 -10.67 18.74
C GLU A 166 2.14 -10.47 17.50
N ALA A 167 1.87 -11.28 16.47
CA ALA A 167 2.69 -11.22 15.25
C ALA A 167 2.55 -9.84 14.62
N THR A 168 1.31 -9.41 14.47
CA THR A 168 1.03 -8.16 13.79
C THR A 168 1.59 -6.98 14.57
N SER A 169 1.38 -6.95 15.88
CA SER A 169 1.88 -5.80 16.59
C SER A 169 3.41 -5.78 16.84
N GLU A 170 4.12 -6.87 16.57
CA GLU A 170 5.62 -6.87 16.61
C GLU A 170 6.12 -6.45 15.25
N TYR A 171 5.35 -6.80 14.22
CA TYR A 171 5.69 -6.38 12.89
C TYR A 171 5.58 -4.86 12.73
N ALA A 172 4.43 -4.35 13.16
CA ALA A 172 4.17 -2.90 13.20
C ALA A 172 5.24 -2.14 13.95
N LYS A 173 5.41 -2.52 15.23
CA LYS A 173 6.54 -2.12 16.04
C LYS A 173 7.84 -2.02 15.24
N CYS A 174 8.26 -3.15 14.65
CA CYS A 174 9.46 -3.19 13.80
C CYS A 174 9.38 -2.24 12.60
N LEU A 175 8.19 -2.15 11.99
CA LEU A 175 7.96 -1.25 10.87
C LEU A 175 8.10 0.22 11.20
N ARG A 176 7.78 0.58 12.43
CA ARG A 176 7.87 1.94 12.84
C ARG A 176 9.34 2.39 12.90
N LEU A 177 10.22 1.51 13.41
CA LEU A 177 11.67 1.77 13.44
C LEU A 177 12.22 1.93 12.03
N LEU A 178 11.87 1.00 11.15
CA LEU A 178 12.29 1.12 9.77
C LEU A 178 11.86 2.46 9.14
N ALA A 179 10.66 2.89 9.49
CA ALA A 179 10.07 4.07 8.90
C ALA A 179 10.80 5.31 9.35
N THR A 180 11.16 5.32 10.64
CA THR A 180 11.98 6.34 11.22
C THR A 180 13.31 6.48 10.47
N LYS A 181 13.91 5.34 10.10
CA LYS A 181 15.21 5.34 9.41
C LYS A 181 15.04 5.80 7.98
N VAL A 182 14.04 5.26 7.30
CA VAL A 182 13.71 5.73 5.94
C VAL A 182 13.50 7.24 5.90
N PHE A 183 12.66 7.78 6.79
CA PHE A 183 12.35 9.23 6.89
C PHE A 183 13.61 10.03 7.14
N LYS A 184 14.48 9.44 7.96
CA LYS A 184 15.78 10.00 8.21
C LYS A 184 16.56 10.14 6.91
N ALA A 185 16.74 9.06 6.17
CA ALA A 185 17.50 9.12 4.91
C ALA A 185 16.86 10.04 3.88
N LEU A 186 15.54 9.99 3.80
CA LEU A 186 14.80 10.81 2.84
C LEU A 186 15.04 12.27 3.15
N SER A 187 15.01 12.56 4.47
CA SER A 187 15.19 13.89 4.93
C SER A 187 16.55 14.45 4.46
N VAL A 188 17.62 13.66 4.73
CA VAL A 188 19.02 14.01 4.36
C VAL A 188 19.14 14.19 2.86
N GLY A 189 18.56 13.22 2.12
CA GLY A 189 18.58 13.18 0.66
C GLY A 189 18.08 14.50 0.02
N LEU A 190 17.08 15.08 0.77
CA LEU A 190 16.42 16.32 0.36
C LEU A 190 17.19 17.54 0.83
N GLY A 191 18.07 17.31 1.79
CA GLY A 191 18.94 18.35 2.35
C GLY A 191 18.42 18.89 3.66
N LEU A 192 17.39 18.30 4.22
CA LEU A 192 16.80 18.83 5.42
C LEU A 192 17.55 18.23 6.61
N GLU A 193 17.13 18.70 7.85
CA GLU A 193 17.58 18.07 9.06
C GLU A 193 16.96 16.67 9.23
N PRO A 194 17.66 15.78 9.95
CA PRO A 194 17.28 14.37 9.81
C PRO A 194 15.97 13.99 10.50
N ASP A 195 15.54 14.76 11.48
CA ASP A 195 14.31 14.45 12.20
C ASP A 195 13.05 14.95 11.48
N ARG A 196 13.24 15.73 10.40
CA ARG A 196 12.22 16.69 9.93
C ARG A 196 10.94 16.05 9.41
N LEU A 197 11.08 15.23 8.38
CA LEU A 197 9.94 14.60 7.74
C LEU A 197 9.06 13.84 8.75
N GLU A 198 9.66 13.12 9.69
CA GLU A 198 8.90 12.42 10.70
C GLU A 198 8.07 13.39 11.55
N LYS A 199 8.66 14.48 12.03
CA LYS A 199 7.82 15.39 12.78
C LYS A 199 6.79 16.13 11.91
N GLU A 200 7.05 16.29 10.60
CA GLU A 200 6.08 16.96 9.73
C GLU A 200 4.87 16.09 9.42
N VAL A 201 5.06 14.77 9.50
CA VAL A 201 3.98 13.84 9.34
C VAL A 201 3.40 13.39 10.70
N GLY A 202 4.03 13.79 11.81
CA GLY A 202 3.40 13.58 13.12
C GLY A 202 4.26 13.05 14.25
N GLY A 203 5.47 12.61 13.92
CA GLY A 203 6.36 12.05 14.93
C GLY A 203 5.81 10.76 15.53
N LEU A 204 6.56 10.20 16.48
CA LEU A 204 6.12 9.09 17.32
C LEU A 204 4.72 9.33 17.87
N GLU A 205 4.43 10.58 18.22
CA GLU A 205 3.19 10.91 18.88
C GLU A 205 2.02 10.52 17.98
N GLU A 206 1.89 11.19 16.83
CA GLU A 206 0.66 11.23 16.08
C GLU A 206 0.58 10.38 14.80
N LEU A 207 1.70 9.82 14.35
CA LEU A 207 1.74 9.11 13.06
C LEU A 207 1.06 7.76 13.23
N LEU A 208 0.27 7.38 12.21
CA LEU A 208 -0.56 6.17 12.30
C LEU A 208 -0.06 5.12 11.35
N LEU A 209 -0.13 3.85 11.75
CA LEU A 209 0.20 2.79 10.83
C LEU A 209 -1.06 1.98 10.69
N GLN A 210 -1.53 1.83 9.46
CA GLN A 210 -2.75 1.13 9.22
C GLN A 210 -2.38 -0.11 8.53
N MET A 211 -2.90 -1.24 8.98
CA MET A 211 -2.74 -2.55 8.26
C MET A 211 -3.98 -2.91 7.41
N LYS A 212 -3.76 -3.29 6.15
CA LYS A 212 -4.76 -3.73 5.22
C LYS A 212 -4.21 -5.03 4.61
N ILE A 213 -4.88 -6.14 4.85
CA ILE A 213 -4.62 -7.44 4.16
C ILE A 213 -5.56 -7.48 2.99
N ASN A 214 -4.94 -7.48 1.80
CA ASN A 214 -5.67 -7.57 0.50
C ASN A 214 -5.71 -9.01 0.12
N TYR A 215 -6.90 -9.51 -0.07
CA TYR A 215 -7.15 -10.91 -0.34
C TYR A 215 -7.78 -10.97 -1.70
N TYR A 216 -7.01 -11.52 -2.66
CA TYR A 216 -7.40 -11.64 -4.07
C TYR A 216 -7.75 -13.08 -4.38
N PRO A 217 -9.05 -13.44 -4.37
CA PRO A 217 -9.35 -14.84 -4.75
C PRO A 217 -8.93 -15.18 -6.20
N LYS A 218 -8.84 -16.45 -6.51
CA LYS A 218 -8.67 -16.82 -7.88
C LYS A 218 -9.85 -16.22 -8.65
N CYS A 219 -9.62 -15.94 -9.92
CA CYS A 219 -10.60 -15.29 -10.77
C CYS A 219 -10.68 -15.99 -12.11
N PRO A 220 -11.90 -16.38 -12.53
CA PRO A 220 -12.03 -17.25 -13.67
C PRO A 220 -11.76 -16.55 -15.01
N GLN A 221 -11.90 -15.23 -15.02
CA GLN A 221 -11.56 -14.41 -16.18
C GLN A 221 -10.71 -13.25 -15.71
N PRO A 222 -9.47 -13.54 -15.25
CA PRO A 222 -8.62 -12.54 -14.55
C PRO A 222 -8.26 -11.32 -15.40
N GLU A 223 -8.13 -11.54 -16.69
CA GLU A 223 -7.73 -10.52 -17.64
C GLU A 223 -8.87 -9.54 -18.02
N LEU A 224 -10.02 -9.67 -17.33
CA LEU A 224 -11.13 -8.73 -17.43
C LEU A 224 -11.21 -7.85 -16.20
N ALA A 225 -10.45 -8.11 -15.17
CA ALA A 225 -10.73 -7.47 -13.89
C ALA A 225 -9.44 -6.95 -13.30
N LEU A 226 -9.58 -6.15 -12.23
CA LEU A 226 -8.50 -5.80 -11.36
C LEU A 226 -8.83 -6.15 -9.91
N GLY A 227 -7.77 -6.60 -9.23
CA GLY A 227 -7.70 -6.80 -7.82
C GLY A 227 -7.85 -5.49 -7.07
N VAL A 228 -7.01 -4.53 -7.44
CA VAL A 228 -7.11 -3.15 -6.94
C VAL A 228 -6.94 -2.22 -8.16
N GLU A 229 -7.77 -1.17 -8.25
CA GLU A 229 -7.76 -0.18 -9.31
C GLU A 229 -6.43 0.64 -9.37
N ALA A 230 -6.24 1.34 -10.49
CA ALA A 230 -5.16 2.28 -10.64
C ALA A 230 -5.32 3.38 -9.59
N HIS A 231 -4.30 3.60 -8.75
CA HIS A 231 -4.38 4.68 -7.74
C HIS A 231 -2.95 5.01 -7.25
N THR A 232 -2.80 6.15 -6.56
CA THR A 232 -1.64 6.45 -5.79
C THR A 232 -2.05 6.25 -4.31
N ASP A 233 -1.10 5.89 -3.45
CA ASP A 233 -1.37 5.83 -2.02
C ASP A 233 -1.27 7.25 -1.48
N VAL A 234 -2.18 7.56 -0.55
CA VAL A 234 -2.24 8.86 0.09
C VAL A 234 -1.22 8.94 1.22
N SER A 235 -0.68 7.79 1.59
CA SER A 235 0.20 7.71 2.76
C SER A 235 1.43 8.60 2.64
N ALA A 236 2.17 8.71 3.72
CA ALA A 236 3.58 9.16 3.64
C ALA A 236 4.49 8.02 3.14
N LEU A 237 4.45 6.86 3.78
CA LEU A 237 5.12 5.64 3.25
C LEU A 237 4.19 4.44 3.39
N THR A 238 4.28 3.50 2.46
CA THR A 238 3.54 2.25 2.52
C THR A 238 4.54 1.13 2.47
N PHE A 239 4.46 0.14 3.34
CA PHE A 239 5.30 -1.01 3.25
C PHE A 239 4.47 -2.21 2.92
N ILE A 240 4.89 -3.02 1.94
CA ILE A 240 4.09 -4.22 1.50
C ILE A 240 4.82 -5.54 1.49
N LEU A 241 4.18 -6.52 2.12
CA LEU A 241 4.50 -7.97 2.02
C LEU A 241 3.50 -8.64 1.10
N HIS A 242 3.89 -9.75 0.49
CA HIS A 242 2.92 -10.51 -0.34
C HIS A 242 3.29 -12.00 -0.24
N ASN A 243 2.41 -12.90 -0.72
CA ASN A 243 2.64 -14.38 -0.66
C ASN A 243 3.32 -14.96 -1.87
N MET A 244 4.17 -14.14 -2.49
CA MET A 244 5.02 -14.60 -3.62
C MET A 244 4.18 -14.98 -4.83
N VAL A 245 3.06 -14.31 -4.99
CA VAL A 245 2.26 -14.42 -6.19
C VAL A 245 2.31 -13.02 -6.84
N PRO A 246 2.56 -12.97 -8.15
CA PRO A 246 2.63 -11.70 -8.89
C PRO A 246 1.27 -11.05 -9.12
N GLY A 247 1.29 -9.72 -9.21
CA GLY A 247 0.12 -8.96 -9.45
C GLY A 247 0.33 -7.46 -9.40
N LEU A 248 1.31 -7.01 -8.60
CA LEU A 248 1.60 -5.57 -8.51
C LEU A 248 2.17 -5.00 -9.81
N GLN A 249 1.53 -3.94 -10.33
CA GLN A 249 1.98 -3.20 -11.50
C GLN A 249 1.98 -1.72 -11.21
N LEU A 250 2.93 -1.11 -11.87
CA LEU A 250 3.36 0.26 -11.66
C LEU A 250 3.28 0.88 -12.97
N PHE A 251 2.78 2.13 -13.00
CA PHE A 251 2.64 2.87 -14.27
C PHE A 251 3.85 3.79 -14.43
N TYR A 252 4.76 3.37 -15.29
CA TYR A 252 6.10 3.92 -15.38
C TYR A 252 6.38 4.22 -16.83
N GLU A 253 6.93 5.41 -17.11
CA GLU A 253 6.98 5.92 -18.44
C GLU A 253 5.89 5.41 -19.39
N GLY A 254 4.63 5.73 -19.09
CA GLY A 254 3.54 5.51 -20.03
C GLY A 254 3.00 4.07 -20.14
N LYS A 255 3.64 3.14 -19.44
CA LYS A 255 3.32 1.70 -19.59
C LYS A 255 3.26 1.01 -18.23
N TRP A 256 2.58 -0.13 -18.16
CA TRP A 256 2.40 -0.86 -16.91
C TRP A 256 3.45 -1.92 -16.70
N VAL A 257 4.31 -1.70 -15.72
CA VAL A 257 5.48 -2.54 -15.43
C VAL A 257 5.05 -3.55 -14.38
N THR A 258 5.35 -4.84 -14.53
CA THR A 258 4.98 -5.78 -13.45
C THR A 258 6.13 -5.95 -12.45
N ALA A 259 5.82 -5.87 -11.15
CA ALA A 259 6.78 -6.16 -10.09
C ALA A 259 7.15 -7.62 -10.03
N LYS A 260 8.43 -7.93 -9.77
CA LYS A 260 8.82 -9.32 -9.53
C LYS A 260 8.72 -9.67 -8.02
N CYS A 261 8.76 -10.96 -7.77
CA CYS A 261 8.57 -11.51 -6.45
C CYS A 261 9.98 -11.76 -5.89
N VAL A 262 10.49 -10.79 -5.15
CA VAL A 262 11.77 -10.87 -4.43
C VAL A 262 11.54 -11.46 -3.02
N PRO A 263 12.15 -12.62 -2.73
CA PRO A 263 11.98 -13.23 -1.39
C PRO A 263 12.66 -12.41 -0.29
N ASP A 264 11.97 -12.31 0.86
CA ASP A 264 12.48 -11.62 2.07
C ASP A 264 12.57 -10.08 1.94
N SER A 265 11.87 -9.53 0.97
CA SER A 265 11.95 -8.13 0.69
C SER A 265 10.63 -7.50 1.11
N ILE A 266 10.63 -6.17 1.02
CA ILE A 266 9.49 -5.35 1.34
C ILE A 266 9.36 -4.33 0.22
N VAL A 267 8.21 -4.31 -0.42
CA VAL A 267 7.88 -3.20 -1.29
C VAL A 267 7.63 -1.94 -0.42
N MET A 268 8.33 -0.85 -0.74
CA MET A 268 7.99 0.43 -0.12
C MET A 268 7.59 1.41 -1.18
N HIS A 269 6.48 2.09 -0.92
CA HIS A 269 6.03 3.12 -1.78
C HIS A 269 6.31 4.42 -1.14
N ILE A 270 6.77 5.36 -1.93
CA ILE A 270 6.57 6.79 -1.56
C ILE A 270 5.12 7.13 -1.79
N GLY A 271 4.51 7.81 -0.83
CA GLY A 271 3.08 8.12 -0.91
C GLY A 271 2.80 9.61 -1.10
N ASP A 272 1.53 9.97 -1.32
CA ASP A 272 1.16 11.35 -1.73
C ASP A 272 1.65 12.33 -0.70
N THR A 273 1.57 11.92 0.56
CA THR A 273 1.84 12.84 1.67
C THR A 273 3.31 13.25 1.67
N LEU A 274 4.22 12.33 1.28
CA LEU A 274 5.65 12.73 1.14
C LEU A 274 5.87 13.59 -0.12
N GLU A 275 5.15 13.25 -1.20
CA GLU A 275 5.24 13.98 -2.45
C GLU A 275 4.80 15.47 -2.30
N ILE A 276 3.78 15.66 -1.48
CA ILE A 276 3.32 17.00 -1.18
C ILE A 276 4.35 17.78 -0.39
N LEU A 277 4.85 17.17 0.69
CA LEU A 277 5.80 17.81 1.55
C LEU A 277 7.09 18.14 0.78
N SER A 278 7.44 17.26 -0.17
CA SER A 278 8.68 17.39 -0.96
C SER A 278 8.53 18.20 -2.24
N ASN A 279 7.32 18.67 -2.51
CA ASN A 279 6.99 19.45 -3.70
C ASN A 279 7.26 18.65 -5.00
N GLY A 280 7.01 17.34 -4.97
CA GLY A 280 6.92 16.54 -6.19
C GLY A 280 8.24 15.90 -6.53
N LYS A 281 9.29 16.24 -5.79
CA LYS A 281 10.58 15.55 -5.87
C LYS A 281 10.45 14.01 -5.77
N TYR A 282 9.95 13.52 -4.62
CA TYR A 282 9.66 12.10 -4.45
C TYR A 282 8.24 11.84 -4.99
N LYS A 283 8.13 10.69 -5.68
CA LYS A 283 7.03 10.39 -6.61
C LYS A 283 6.06 9.45 -5.94
N SER A 284 4.82 9.79 -5.88
CA SER A 284 3.79 8.84 -5.41
C SER A 284 3.27 8.19 -6.67
N ILE A 285 3.81 7.03 -7.00
CA ILE A 285 3.52 6.40 -8.30
C ILE A 285 2.14 5.79 -8.36
N LEU A 286 1.58 5.80 -9.57
CA LEU A 286 0.37 5.08 -9.88
C LEU A 286 0.62 3.60 -10.02
N HIS A 287 -0.29 2.81 -9.47
CA HIS A 287 -0.07 1.40 -9.43
C HIS A 287 -1.41 0.69 -9.31
N ARG A 288 -1.39 -0.60 -9.57
CA ARG A 288 -2.60 -1.40 -9.48
C ARG A 288 -2.24 -2.85 -9.25
N GLY A 289 -3.29 -3.69 -9.17
CA GLY A 289 -3.17 -5.09 -8.83
C GLY A 289 -4.04 -5.99 -9.71
N LEU A 290 -3.37 -6.96 -10.31
CA LEU A 290 -3.95 -7.97 -11.20
C LEU A 290 -4.24 -9.25 -10.41
N VAL A 291 -5.26 -9.96 -10.89
CA VAL A 291 -5.61 -11.25 -10.37
C VAL A 291 -5.32 -12.37 -11.36
N ASN A 292 -5.54 -13.59 -10.90
CA ASN A 292 -5.27 -14.73 -11.77
C ASN A 292 -6.19 -15.90 -11.49
N LYS A 293 -6.09 -16.94 -12.31
CA LYS A 293 -6.89 -18.16 -12.20
C LYS A 293 -6.30 -19.27 -11.32
N GLU A 294 -5.00 -19.22 -11.10
CA GLU A 294 -4.27 -20.34 -10.53
C GLU A 294 -4.15 -20.22 -9.02
N LYS A 295 -3.83 -19.00 -8.58
CA LYS A 295 -3.31 -18.80 -7.28
C LYS A 295 -4.04 -17.62 -6.57
N VAL A 296 -4.43 -17.87 -5.32
CA VAL A 296 -4.82 -16.79 -4.41
C VAL A 296 -3.63 -15.86 -4.18
N ARG A 297 -3.84 -14.57 -4.47
CA ARG A 297 -2.88 -13.56 -4.05
C ARG A 297 -3.31 -12.86 -2.71
N ILE A 298 -2.31 -12.65 -1.84
CA ILE A 298 -2.48 -11.92 -0.59
C ILE A 298 -1.33 -10.92 -0.43
N SER A 299 -1.65 -9.70 -0.01
CA SER A 299 -0.62 -8.77 0.33
C SER A 299 -0.98 -8.14 1.69
N TRP A 300 0.04 -7.68 2.38
CA TRP A 300 -0.09 -7.02 3.65
C TRP A 300 0.53 -5.66 3.43
N ALA A 301 -0.33 -4.64 3.36
CA ALA A 301 0.09 -3.25 3.15
C ALA A 301 -0.08 -2.49 4.43
N VAL A 302 1.02 -1.93 4.90
CA VAL A 302 0.99 -0.99 6.03
C VAL A 302 1.24 0.42 5.57
N PHE A 303 0.27 1.28 5.83
CA PHE A 303 0.23 2.68 5.42
C PHE A 303 0.62 3.51 6.62
N CYS A 304 1.69 4.28 6.47
CA CYS A 304 2.15 5.12 7.51
C CYS A 304 1.60 6.47 7.15
N GLU A 305 0.62 6.97 7.91
CA GLU A 305 -0.08 8.19 7.55
C GLU A 305 -0.17 9.24 8.68
N PRO A 306 -0.35 10.50 8.30
CA PRO A 306 -0.55 11.50 9.32
C PRO A 306 -1.97 11.46 9.96
N PRO A 307 -2.16 12.18 11.05
CA PRO A 307 -3.50 12.41 11.57
C PRO A 307 -4.36 13.11 10.51
N LYS A 308 -5.64 12.73 10.50
CA LYS A 308 -6.57 13.10 9.42
C LYS A 308 -6.85 14.58 9.41
N ASP A 309 -7.07 15.13 10.60
CA ASP A 309 -7.13 16.54 10.84
C ASP A 309 -6.13 16.71 12.00
N LYS A 310 -5.55 17.90 12.10
CA LYS A 310 -4.43 18.28 13.01
C LYS A 310 -3.25 18.86 12.24
N ILE A 311 -2.84 18.21 11.15
CA ILE A 311 -1.70 18.67 10.32
C ILE A 311 -2.18 19.17 8.96
N VAL A 312 -1.95 20.45 8.67
CA VAL A 312 -2.20 21.00 7.33
C VAL A 312 -0.98 20.63 6.50
N LEU A 313 -1.16 19.71 5.54
CA LEU A 313 -0.08 19.28 4.67
C LEU A 313 0.09 20.29 3.54
N LYS A 314 1.36 20.59 3.24
CA LYS A 314 1.72 21.41 2.07
C LYS A 314 3.23 21.32 1.82
N PRO A 315 3.66 21.67 0.59
CA PRO A 315 5.10 21.73 0.27
C PRO A 315 5.90 22.51 1.33
N LEU A 316 7.10 22.01 1.64
CA LEU A 316 7.93 22.60 2.68
C LEU A 316 8.54 23.89 2.13
N PRO A 317 8.79 24.86 3.03
CA PRO A 317 9.26 26.19 2.55
C PRO A 317 10.66 26.05 1.92
N GLU A 318 11.49 25.19 2.54
CA GLU A 318 12.72 24.75 1.89
C GLU A 318 12.53 24.25 0.45
N MET A 319 11.32 23.75 0.11
CA MET A 319 11.10 22.97 -1.13
C MET A 319 10.42 23.76 -2.27
N VAL A 320 10.11 25.07 -1.93
CA VAL A 320 9.52 25.95 -2.93
C VAL A 320 10.45 27.15 -3.21
N SER A 321 10.34 27.67 -4.44
CA SER A 321 11.02 28.87 -4.86
C SER A 321 10.16 29.57 -5.91
N VAL A 322 10.62 30.71 -6.42
CA VAL A 322 10.03 31.34 -7.59
C VAL A 322 10.14 30.35 -8.78
N GLU A 323 11.35 29.77 -8.90
CA GLU A 323 11.75 28.81 -9.94
C GLU A 323 11.06 27.46 -9.86
N SER A 324 10.45 27.19 -8.70
CA SER A 324 9.72 25.98 -8.49
C SER A 324 8.68 26.25 -7.39
N PRO A 325 7.54 26.81 -7.78
CA PRO A 325 6.56 27.09 -6.74
C PRO A 325 5.85 25.84 -6.23
N ALA A 326 5.04 26.05 -5.20
CA ALA A 326 4.26 24.99 -4.65
C ALA A 326 3.47 24.33 -5.79
N LYS A 327 3.57 23.01 -5.83
CA LYS A 327 2.79 22.22 -6.78
C LYS A 327 1.45 21.78 -6.20
N PHE A 328 1.30 21.91 -4.87
CA PHE A 328 0.09 21.53 -4.16
C PHE A 328 -0.30 22.57 -3.11
N PRO A 329 -1.59 23.00 -3.10
CA PRO A 329 -2.02 23.98 -2.13
C PRO A 329 -2.22 23.33 -0.80
N PRO A 330 -2.39 24.13 0.25
CA PRO A 330 -2.45 23.43 1.52
C PRO A 330 -3.73 22.64 1.70
N ARG A 331 -3.61 21.41 2.18
CA ARG A 331 -4.76 20.57 2.50
C ARG A 331 -4.44 19.74 3.75
N THR A 332 -5.43 19.48 4.62
CA THR A 332 -5.28 18.40 5.63
C THR A 332 -5.26 17.07 4.92
N PHE A 333 -4.85 16.02 5.66
CA PHE A 333 -4.89 14.65 5.16
C PHE A 333 -6.27 14.32 4.68
N ALA A 334 -7.27 14.54 5.53
CA ALA A 334 -8.64 14.25 5.16
C ALA A 334 -9.10 15.01 3.93
N GLN A 335 -8.81 16.31 3.89
CA GLN A 335 -9.07 17.12 2.70
C GLN A 335 -8.40 16.60 1.42
N HIS A 336 -7.17 16.16 1.52
CA HIS A 336 -6.45 15.65 0.37
C HIS A 336 -7.19 14.42 -0.18
N ILE A 337 -7.62 13.55 0.74
CA ILE A 337 -8.38 12.32 0.38
C ILE A 337 -9.66 12.72 -0.32
N GLU A 338 -10.32 13.75 0.18
CA GLU A 338 -11.60 14.18 -0.34
C GLU A 338 -11.40 14.81 -1.71
N HIS A 339 -10.36 15.58 -1.90
CA HIS A 339 -10.14 16.20 -3.20
C HIS A 339 -9.95 15.12 -4.28
N LYS A 340 -9.24 14.07 -3.92
CA LYS A 340 -9.08 12.94 -4.82
C LYS A 340 -10.37 12.25 -5.17
N LEU A 341 -11.15 11.86 -4.14
CA LEU A 341 -12.54 11.37 -4.30
C LEU A 341 -13.41 12.24 -5.17
N PHE A 342 -13.51 13.51 -4.80
CA PHE A 342 -14.25 14.49 -5.59
C PHE A 342 -13.89 14.45 -7.07
N GLY A 343 -12.59 14.52 -7.37
CA GLY A 343 -12.07 14.39 -8.74
C GLY A 343 -12.58 13.16 -9.48
N LYS A 344 -12.36 11.99 -8.89
CA LYS A 344 -12.78 10.70 -9.45
C LYS A 344 -14.30 10.64 -9.65
N GLU A 345 -15.04 11.21 -8.69
CA GLU A 345 -16.48 11.46 -8.83
C GLU A 345 -16.66 12.49 -9.94
N GLN A 346 -17.06 11.94 -11.06
CA GLN A 346 -17.20 12.65 -12.33
C GLN A 346 -17.17 11.48 -13.31
N GLU A 347 -18.05 10.52 -13.03
CA GLU A 347 -18.38 9.47 -13.97
C GLU A 347 -19.77 9.84 -14.49
N GLU A 348 -19.74 10.45 -15.68
CA GLU A 348 -20.83 11.26 -16.19
C GLU A 348 -20.38 12.71 -15.97
FE FE2 B . -1.63 1.12 -3.09
C1 AKG C . -2.87 -1.06 -1.80
O1 AKG C . -3.30 -1.87 -0.91
O2 AKG C . -2.97 0.23 -1.71
C2 AKG C . -2.14 -1.61 -2.93
O5 AKG C . -1.90 -0.86 -3.88
C3 AKG C . -1.65 -3.07 -2.77
C4 AKG C . -1.12 -3.79 -4.00
C5 AKG C . -0.77 -5.25 -3.70
O3 AKG C . -1.68 -6.01 -3.27
O4 AKG C . 0.39 -5.70 -3.90
C1 NAR D . -4.34 4.71 4.26
C2 NAR D . -3.19 5.46 3.97
C3 NAR D . -2.64 5.54 2.74
C4 NAR D . -3.20 4.91 1.68
C5 NAR D . -4.42 4.10 1.88
C6 NAR D . -4.98 4.01 3.24
C7 NAR D . -5.04 3.30 0.75
C8 NAR D . -6.31 2.44 1.14
C9 NAR D . -7.04 3.01 2.38
O1 NAR D . -6.10 3.27 3.46
O2 NAR D . -4.45 3.31 -0.38
C10 NAR D . -8.23 2.23 2.94
C11 NAR D . -8.62 0.91 2.60
C12 NAR D . -9.75 0.34 3.21
C13 NAR D . -10.54 1.03 4.14
C14 NAR D . -10.20 2.33 4.47
C15 NAR D . -9.05 2.91 3.89
O3 NAR D . -11.67 0.47 4.73
O4 NAR D . -2.75 6.48 4.71
O5 NAR D . -2.58 5.09 0.52
#